data_7EBH
#
_entry.id   7EBH
#
_cell.length_a   109.347
_cell.length_b   109.347
_cell.length_c   84.167
_cell.angle_alpha   90.000
_cell.angle_beta   90.000
_cell.angle_gamma   120.000
#
_symmetry.space_group_name_H-M   'P 64'
#
loop_
_entity.id
_entity.type
_entity.pdbx_description
1 polymer '[Pyruvate dehydrogenase (acetyl-transferring)] kinase isozyme 2, mitochondrial'
2 non-polymer 'CHLORIDE ION'
3 non-polymer 'ACETATE ION'
4 non-polymer 'DIMETHYL SULFOXIDE'
5 non-polymer 5-bromanyl-2-methyl-6-propyl-7H-pyrrolo[2,3-d]pyrimidine
6 water water
#
_entity_poly.entity_id   1
_entity_poly.type   'polypeptide(L)'
_entity_poly.pdbx_seq_one_letter_code
;GSAPKYIEHFSKFSPSPLSMKQFLDFGSSNACEKTSFTFLRQELPVRLANIMKEINLLPDRVLSTPSVQLVQSWYVQSLL
DIMEFLDKDPEDHRTLSQFTDALVTIRNRHNDVVPTMAQGVLEYKDTYGDDPVSNQNIQYFLDRFYLSRISIRMLINQHT
LIFDGSTNPAHPKHIGSIDPNCNVSEVVKDAYDMAKLLCDKYYMASPDLEIQEINAANSKQPIHMVYVPSHLYHMLFELF
KNAMRATVESHESSLILPPIKVMVALGEEDLSIKMSDRGGGVPLRKIERLFSYMYSTAPTPQPGTGGTPLAGFGYGLPIS
RLYAKYFQGDLQLFSMEGFGTDAVIYLKALSTDSVERLPVYNKSAWRHYQTIQEAGDWCVPSTEPKNTSTYRVS
;
_entity_poly.pdbx_strand_id   A
#
# COMPACT_ATOMS: atom_id res chain seq x y z
N GLY A 1 -32.44 -9.09 4.12
CA GLY A 1 -31.15 -9.73 4.11
C GLY A 1 -30.52 -9.78 5.48
N SER A 2 -29.32 -10.35 5.55
CA SER A 2 -28.63 -10.53 6.83
C SER A 2 -27.31 -9.77 6.90
N ALA A 3 -27.00 -8.94 5.90
CA ALA A 3 -25.72 -8.21 5.91
C ALA A 3 -25.48 -7.46 7.21
N PRO A 4 -26.44 -6.71 7.76
CA PRO A 4 -26.17 -6.05 9.05
C PRO A 4 -25.86 -7.02 10.16
N LYS A 5 -26.51 -8.18 10.19
CA LYS A 5 -26.23 -9.17 11.23
C LYS A 5 -24.81 -9.72 11.09
N TYR A 6 -24.37 -9.99 9.86
CA TYR A 6 -23.00 -10.51 9.60
C TYR A 6 -21.98 -9.46 10.04
N ILE A 7 -22.19 -8.19 9.68
CA ILE A 7 -21.27 -7.13 10.08
C ILE A 7 -21.16 -7.09 11.60
N GLU A 8 -22.30 -7.10 12.29
CA GLU A 8 -22.29 -7.07 13.74
C GLU A 8 -21.55 -8.28 14.31
N HIS A 9 -21.80 -9.47 13.76
CA HIS A 9 -21.18 -10.67 14.28
C HIS A 9 -19.65 -10.64 14.13
N PHE A 10 -19.18 -10.60 12.88
CA PHE A 10 -17.73 -10.69 12.56
C PHE A 10 -16.94 -9.45 13.00
N SER A 11 -17.60 -8.31 13.25
CA SER A 11 -16.89 -7.14 13.77
C SER A 11 -16.59 -7.26 15.25
N LYS A 12 -17.18 -8.24 15.95
CA LYS A 12 -16.82 -8.49 17.34
C LYS A 12 -15.45 -9.14 17.46
N PHE A 13 -14.92 -9.69 16.37
CA PHE A 13 -13.59 -10.30 16.37
C PHE A 13 -12.54 -9.28 15.97
N SER A 14 -11.34 -9.46 16.50
CA SER A 14 -10.23 -8.62 16.07
C SER A 14 -9.51 -9.28 14.90
N PRO A 15 -9.08 -8.51 13.90
CA PRO A 15 -8.24 -9.11 12.84
C PRO A 15 -6.99 -9.72 13.44
N SER A 16 -6.55 -10.83 12.83
CA SER A 16 -5.35 -11.52 13.26
C SER A 16 -4.19 -11.14 12.34
N PRO A 17 -3.28 -10.26 12.74
CA PRO A 17 -2.17 -9.90 11.85
C PRO A 17 -1.16 -11.03 11.75
N LEU A 18 -0.62 -11.20 10.55
CA LEU A 18 0.33 -12.27 10.26
C LEU A 18 1.73 -11.71 10.06
N SER A 19 2.73 -12.50 10.42
CA SER A 19 4.12 -12.15 10.18
C SER A 19 4.58 -12.72 8.84
N MET A 20 5.75 -12.24 8.38
CA MET A 20 6.34 -12.79 7.17
C MET A 20 6.54 -14.30 7.29
N LYS A 21 7.00 -14.76 8.46
CA LYS A 21 7.18 -16.20 8.67
C LYS A 21 5.87 -16.95 8.44
N GLN A 22 4.77 -16.42 8.99
CA GLN A 22 3.48 -17.09 8.80
C GLN A 22 3.05 -17.09 7.34
N PHE A 23 3.34 -16.00 6.62
CA PHE A 23 3.03 -15.97 5.19
C PHE A 23 3.82 -17.03 4.45
N LEU A 24 5.12 -17.16 4.76
CA LEU A 24 5.95 -18.15 4.08
C LEU A 24 5.52 -19.58 4.40
N ASP A 25 4.85 -19.80 5.54
CA ASP A 25 4.36 -21.13 5.87
C ASP A 25 3.08 -21.46 5.12
N PHE A 26 2.14 -20.51 5.06
CA PHE A 26 0.92 -20.75 4.29
C PHE A 26 1.22 -21.05 2.83
N GLY A 27 2.32 -20.49 2.30
CA GLY A 27 2.71 -20.68 0.93
C GLY A 27 3.82 -21.67 0.71
N SER A 28 4.21 -22.44 1.73
CA SER A 28 5.35 -23.34 1.59
C SER A 28 5.08 -24.47 0.61
N SER A 29 3.82 -24.82 0.36
CA SER A 29 3.50 -25.91 -0.54
C SER A 29 2.01 -25.85 -0.88
N ASN A 30 1.60 -26.73 -1.79
CA ASN A 30 0.20 -26.79 -2.21
C ASN A 30 -0.68 -27.54 -1.22
N ALA A 31 -0.08 -28.35 -0.34
CA ALA A 31 -0.87 -29.06 0.66
C ALA A 31 -1.54 -28.11 1.64
N CYS A 32 -1.02 -26.90 1.80
CA CYS A 32 -1.56 -25.92 2.73
C CYS A 32 -2.81 -25.22 2.21
N GLU A 33 -3.30 -25.59 1.02
CA GLU A 33 -4.45 -24.90 0.46
C GLU A 33 -5.66 -25.00 1.37
N LYS A 34 -5.93 -26.21 1.89
CA LYS A 34 -7.06 -26.38 2.79
C LYS A 34 -6.91 -25.53 4.04
N THR A 35 -5.69 -25.44 4.58
CA THR A 35 -5.47 -24.60 5.75
C THR A 35 -5.68 -23.13 5.42
N SER A 36 -5.18 -22.68 4.27
CA SER A 36 -5.41 -21.30 3.86
C SER A 36 -6.89 -21.03 3.68
N PHE A 37 -7.63 -22.02 3.16
CA PHE A 37 -9.06 -21.84 2.95
C PHE A 37 -9.81 -21.67 4.27
N THR A 38 -9.58 -22.58 5.21
CA THR A 38 -10.30 -22.51 6.48
C THR A 38 -9.91 -21.27 7.28
N PHE A 39 -8.69 -20.78 7.10
CA PHE A 39 -8.29 -19.54 7.77
C PHE A 39 -8.97 -18.34 7.12
N LEU A 40 -8.96 -18.28 5.79
CA LEU A 40 -9.44 -17.07 5.10
C LEU A 40 -10.95 -16.93 5.16
N ARG A 41 -11.69 -18.05 5.13
CA ARG A 41 -13.14 -17.94 5.18
C ARG A 41 -13.63 -17.36 6.50
N GLN A 42 -12.80 -17.37 7.53
CA GLN A 42 -13.08 -16.71 8.80
C GLN A 42 -12.41 -15.35 8.89
N GLU A 43 -11.16 -15.22 8.43
CA GLU A 43 -10.43 -13.98 8.63
C GLU A 43 -10.90 -12.88 7.70
N LEU A 44 -11.29 -13.21 6.48
CA LEU A 44 -11.71 -12.20 5.53
C LEU A 44 -13.02 -11.55 5.97
N PRO A 45 -14.06 -12.30 6.42
CA PRO A 45 -15.25 -11.67 6.95
C PRO A 45 -15.00 -10.89 8.24
N VAL A 46 -13.95 -11.19 9.02
CA VAL A 46 -13.58 -10.35 10.15
C VAL A 46 -13.03 -9.02 9.68
N ARG A 47 -12.08 -9.05 8.74
CA ARG A 47 -11.47 -7.80 8.27
C ARG A 47 -12.48 -6.97 7.47
N LEU A 48 -13.31 -7.62 6.65
CA LEU A 48 -14.34 -6.90 5.93
C LEU A 48 -15.32 -6.24 6.88
N ALA A 49 -15.83 -7.02 7.86
CA ALA A 49 -16.85 -6.50 8.76
C ALA A 49 -16.33 -5.35 9.60
N ASN A 50 -15.08 -5.45 10.06
CA ASN A 50 -14.53 -4.40 10.92
C ASN A 50 -14.49 -3.05 10.20
N ILE A 51 -14.03 -3.03 8.95
CA ILE A 51 -13.95 -1.74 8.19
C ILE A 51 -15.37 -1.34 7.77
N MET A 52 -16.25 -2.31 7.48
CA MET A 52 -17.63 -1.97 7.14
C MET A 52 -18.35 -1.35 8.32
N LYS A 53 -18.04 -1.79 9.54
CA LYS A 53 -18.64 -1.17 10.72
C LYS A 53 -18.15 0.26 10.91
N GLU A 54 -16.86 0.50 10.65
CA GLU A 54 -16.34 1.86 10.76
C GLU A 54 -16.95 2.77 9.70
N ILE A 55 -17.22 2.22 8.51
CA ILE A 55 -17.84 2.99 7.39
C ILE A 55 -19.24 3.41 7.84
N ASN A 56 -19.99 2.56 8.55
CA ASN A 56 -21.35 2.88 9.00
C ASN A 56 -21.36 3.95 10.09
N LEU A 57 -20.24 4.18 10.77
CA LEU A 57 -20.14 5.19 11.80
C LEU A 57 -19.77 6.56 11.26
N LEU A 58 -19.55 6.69 9.95
CA LEU A 58 -19.27 7.99 9.37
C LEU A 58 -20.49 8.90 9.52
N PRO A 59 -20.29 10.22 9.55
CA PRO A 59 -21.44 11.14 9.58
C PRO A 59 -22.42 10.87 8.44
N ASP A 60 -23.67 11.28 8.62
CA ASP A 60 -24.69 11.01 7.60
C ASP A 60 -24.38 11.72 6.29
N ARG A 61 -23.75 12.90 6.35
CA ARG A 61 -23.44 13.63 5.14
C ARG A 61 -22.36 12.95 4.31
N VAL A 62 -21.53 12.12 4.94
CA VAL A 62 -20.56 11.30 4.21
C VAL A 62 -21.17 9.97 3.82
N LEU A 63 -21.87 9.33 4.75
CA LEU A 63 -22.37 7.97 4.52
C LEU A 63 -23.38 7.92 3.39
N SER A 64 -24.20 8.97 3.24
CA SER A 64 -25.28 8.97 2.26
C SER A 64 -24.83 9.44 0.88
N THR A 65 -23.53 9.59 0.66
CA THR A 65 -23.05 10.02 -0.65
C THR A 65 -22.98 8.83 -1.61
N PRO A 66 -23.08 9.08 -2.92
CA PRO A 66 -23.04 7.96 -3.87
C PRO A 66 -21.75 7.17 -3.83
N SER A 67 -20.62 7.82 -3.55
N SER A 67 -20.61 7.82 -3.56
CA SER A 67 -19.34 7.09 -3.54
CA SER A 67 -19.34 7.09 -3.54
C SER A 67 -19.28 6.12 -2.36
C SER A 67 -19.29 6.12 -2.36
N VAL A 68 -19.65 6.59 -1.17
CA VAL A 68 -19.62 5.71 0.00
C VAL A 68 -20.64 4.60 -0.12
N GLN A 69 -21.83 4.92 -0.64
CA GLN A 69 -22.84 3.89 -0.83
C GLN A 69 -22.40 2.87 -1.88
N LEU A 70 -21.69 3.33 -2.92
CA LEU A 70 -21.21 2.40 -3.93
C LEU A 70 -20.14 1.47 -3.36
N VAL A 71 -19.19 2.03 -2.61
CA VAL A 71 -18.10 1.23 -1.98
C VAL A 71 -18.75 0.26 -1.00
N GLN A 72 -19.68 0.73 -0.17
CA GLN A 72 -20.37 -0.13 0.79
C GLN A 72 -21.00 -1.34 0.09
N SER A 73 -21.69 -1.10 -1.02
CA SER A 73 -22.36 -2.20 -1.72
C SER A 73 -21.37 -3.25 -2.17
N TRP A 74 -20.18 -2.82 -2.61
CA TRP A 74 -19.15 -3.78 -2.98
C TRP A 74 -18.74 -4.62 -1.78
N TYR A 75 -18.42 -4.00 -0.65
CA TYR A 75 -18.01 -4.70 0.60
C TYR A 75 -19.15 -5.55 1.17
N VAL A 76 -20.42 -5.24 0.93
CA VAL A 76 -21.53 -6.12 1.31
C VAL A 76 -21.54 -7.35 0.42
N GLN A 77 -21.48 -7.15 -0.89
CA GLN A 77 -21.49 -8.29 -1.81
C GLN A 77 -20.28 -9.19 -1.60
N SER A 78 -19.11 -8.59 -1.37
CA SER A 78 -17.91 -9.39 -1.12
C SER A 78 -18.05 -10.19 0.16
N LEU A 79 -18.56 -9.57 1.23
CA LEU A 79 -18.79 -10.23 2.54
C LEU A 79 -19.65 -11.47 2.29
N LEU A 80 -20.80 -11.31 1.63
CA LEU A 80 -21.79 -12.40 1.39
C LEU A 80 -21.17 -13.53 0.57
N ASP A 81 -20.31 -13.22 -0.41
CA ASP A 81 -19.68 -14.25 -1.27
C ASP A 81 -18.84 -15.18 -0.38
N ILE A 82 -18.09 -14.65 0.59
CA ILE A 82 -17.28 -15.46 1.54
C ILE A 82 -18.22 -16.26 2.46
N MET A 83 -19.38 -15.71 2.85
CA MET A 83 -20.34 -16.37 3.78
C MET A 83 -20.75 -17.72 3.20
N GLU A 84 -20.87 -17.82 1.87
CA GLU A 84 -21.33 -19.07 1.19
C GLU A 84 -20.40 -20.23 1.53
N PHE A 85 -19.10 -19.99 1.69
CA PHE A 85 -18.07 -21.06 1.90
C PHE A 85 -17.95 -21.49 3.37
N LEU A 86 -18.66 -20.89 4.32
CA LEU A 86 -18.50 -21.18 5.78
C LEU A 86 -18.96 -22.60 6.13
N ASP A 87 -19.88 -23.21 5.36
CA ASP A 87 -20.43 -24.54 5.62
C ASP A 87 -19.86 -25.61 4.69
N LYS A 88 -19.03 -25.24 3.71
CA LYS A 88 -18.56 -26.18 2.71
C LYS A 88 -17.42 -27.02 3.26
N ASP A 89 -17.27 -28.21 2.69
CA ASP A 89 -16.27 -29.16 3.15
C ASP A 89 -14.91 -28.81 2.55
N PRO A 90 -13.89 -28.51 3.36
CA PRO A 90 -12.56 -28.24 2.79
C PRO A 90 -11.97 -29.43 2.06
N GLU A 91 -12.42 -30.65 2.36
CA GLU A 91 -11.87 -31.83 1.70
C GLU A 91 -12.33 -31.96 0.25
N ASP A 92 -13.37 -31.23 -0.15
CA ASP A 92 -13.86 -31.27 -1.52
C ASP A 92 -13.03 -30.31 -2.37
N HIS A 93 -12.19 -30.85 -3.24
CA HIS A 93 -11.35 -30.01 -4.09
C HIS A 93 -12.17 -28.99 -4.86
N ARG A 94 -13.44 -29.31 -5.14
CA ARG A 94 -14.29 -28.35 -5.84
C ARG A 94 -14.55 -27.12 -4.97
N THR A 95 -14.75 -27.32 -3.66
CA THR A 95 -14.92 -26.18 -2.76
C THR A 95 -13.72 -25.25 -2.84
N LEU A 96 -12.51 -25.82 -2.80
CA LEU A 96 -11.30 -25.01 -2.87
C LEU A 96 -11.20 -24.28 -4.20
N SER A 97 -11.55 -24.95 -5.29
CA SER A 97 -11.53 -24.32 -6.61
C SER A 97 -12.50 -23.15 -6.66
N GLN A 98 -13.72 -23.34 -6.16
CA GLN A 98 -14.70 -22.25 -6.16
C GLN A 98 -14.24 -21.09 -5.29
N PHE A 99 -13.59 -21.38 -4.17
CA PHE A 99 -13.14 -20.33 -3.28
C PHE A 99 -12.14 -19.41 -3.97
N THR A 100 -11.16 -19.99 -4.66
CA THR A 100 -10.16 -19.18 -5.36
C THR A 100 -10.82 -18.29 -6.41
N ASP A 101 -11.75 -18.84 -7.18
CA ASP A 101 -12.46 -18.03 -8.17
C ASP A 101 -13.24 -16.91 -7.51
N ALA A 102 -13.85 -17.19 -6.35
CA ALA A 102 -14.59 -16.15 -5.64
C ALA A 102 -13.69 -15.01 -5.21
N LEU A 103 -12.45 -15.34 -4.81
CA LEU A 103 -11.53 -14.29 -4.36
C LEU A 103 -11.10 -13.41 -5.53
N VAL A 104 -10.86 -14.00 -6.70
CA VAL A 104 -10.51 -13.21 -7.87
C VAL A 104 -11.65 -12.26 -8.22
N THR A 105 -12.88 -12.75 -8.16
CA THR A 105 -14.04 -11.88 -8.41
C THR A 105 -14.07 -10.73 -7.41
N ILE A 106 -13.87 -11.03 -6.14
CA ILE A 106 -13.89 -9.99 -5.10
C ILE A 106 -12.81 -8.96 -5.38
N ARG A 107 -11.60 -9.43 -5.69
CA ARG A 107 -10.50 -8.50 -5.95
C ARG A 107 -10.83 -7.56 -7.10
N ASN A 108 -11.37 -8.10 -8.19
CA ASN A 108 -11.69 -7.27 -9.35
C ASN A 108 -12.84 -6.31 -9.03
N ARG A 109 -13.82 -6.76 -8.24
CA ARG A 109 -14.95 -5.91 -7.90
C ARG A 109 -14.49 -4.60 -7.25
N HIS A 110 -13.41 -4.65 -6.49
CA HIS A 110 -12.91 -3.50 -5.74
C HIS A 110 -11.78 -2.76 -6.44
N ASN A 111 -11.49 -3.10 -7.71
CA ASN A 111 -10.30 -2.55 -8.36
C ASN A 111 -10.32 -1.03 -8.43
N ASP A 112 -11.50 -0.41 -8.53
CA ASP A 112 -11.62 1.07 -8.75
C ASP A 112 -12.01 1.80 -7.46
N VAL A 113 -11.73 1.23 -6.29
CA VAL A 113 -12.11 1.83 -4.97
C VAL A 113 -11.30 3.12 -4.76
N VAL A 114 -10.00 3.12 -5.03
CA VAL A 114 -9.12 4.30 -4.74
C VAL A 114 -9.57 5.49 -5.59
N PRO A 115 -9.84 5.39 -6.92
CA PRO A 115 -10.39 6.52 -7.69
C PRO A 115 -11.80 6.88 -7.24
N THR A 116 -12.63 5.90 -6.86
CA THR A 116 -14.03 6.12 -6.38
C THR A 116 -13.98 6.94 -5.08
N MET A 117 -13.03 6.66 -4.19
CA MET A 117 -12.93 7.34 -2.88
C MET A 117 -12.41 8.76 -3.08
N ALA A 118 -11.52 8.99 -4.06
CA ALA A 118 -11.01 10.31 -4.40
C ALA A 118 -12.13 11.22 -4.90
N GLN A 119 -13.05 10.67 -5.70
CA GLN A 119 -14.22 11.44 -6.12
C GLN A 119 -15.03 11.91 -4.92
N GLY A 120 -15.13 11.06 -3.89
CA GLY A 120 -15.85 11.45 -2.70
C GLY A 120 -15.17 12.60 -1.96
N VAL A 121 -13.84 12.56 -1.89
CA VAL A 121 -13.11 13.64 -1.22
C VAL A 121 -13.36 14.97 -1.93
N LEU A 122 -13.28 14.96 -3.27
CA LEU A 122 -13.54 16.18 -4.02
C LEU A 122 -14.96 16.68 -3.79
N GLU A 123 -15.94 15.77 -3.78
CA GLU A 123 -17.32 16.17 -3.52
C GLU A 123 -17.44 16.82 -2.15
N TYR A 124 -16.79 16.25 -1.14
CA TYR A 124 -16.85 16.83 0.20
C TYR A 124 -16.26 18.23 0.21
N LYS A 125 -15.10 18.40 -0.42
CA LYS A 125 -14.46 19.71 -0.47
C LYS A 125 -15.40 20.77 -1.04
N ASP A 126 -16.11 20.44 -2.11
CA ASP A 126 -16.99 21.41 -2.74
C ASP A 126 -18.35 21.52 -2.06
N THR A 127 -18.77 20.50 -1.32
CA THR A 127 -20.07 20.51 -0.67
C THR A 127 -20.04 21.07 0.74
N TYR A 128 -18.95 20.85 1.47
CA TYR A 128 -18.86 21.26 2.87
C TYR A 128 -17.61 22.05 3.23
N GLY A 129 -16.56 22.00 2.42
CA GLY A 129 -15.39 22.83 2.62
C GLY A 129 -14.15 22.00 2.95
N ASP A 130 -13.00 22.67 2.90
CA ASP A 130 -11.72 22.05 3.12
C ASP A 130 -11.06 22.56 4.40
N ASP A 131 -11.78 22.46 5.52
CA ASP A 131 -11.28 22.96 6.78
C ASP A 131 -10.38 21.93 7.47
N PRO A 132 -9.56 22.37 8.43
CA PRO A 132 -8.61 21.43 9.05
C PRO A 132 -9.28 20.24 9.73
N VAL A 133 -10.37 20.46 10.46
CA VAL A 133 -11.03 19.36 11.16
C VAL A 133 -11.48 18.30 10.17
N SER A 134 -12.08 18.72 9.06
CA SER A 134 -12.49 17.77 8.03
C SER A 134 -11.28 17.03 7.48
N ASN A 135 -10.16 17.73 7.28
CA ASN A 135 -8.96 17.07 6.77
C ASN A 135 -8.51 15.95 7.70
N GLN A 136 -8.55 16.18 9.02
CA GLN A 136 -8.10 15.17 9.97
C GLN A 136 -9.01 13.96 9.95
N ASN A 137 -10.33 14.18 9.98
CA ASN A 137 -11.27 13.06 9.99
C ASN A 137 -11.15 12.25 8.70
N ILE A 138 -11.05 12.93 7.55
CA ILE A 138 -10.88 12.22 6.29
C ILE A 138 -9.56 11.47 6.27
N GLN A 139 -8.48 12.14 6.71
CA GLN A 139 -7.17 11.49 6.73
C GLN A 139 -7.19 10.27 7.65
N TYR A 140 -7.81 10.41 8.82
CA TYR A 140 -7.88 9.29 9.76
C TYR A 140 -8.63 8.11 9.13
N PHE A 141 -9.80 8.38 8.54
CA PHE A 141 -10.64 7.33 7.90
C PHE A 141 -9.89 6.66 6.75
N LEU A 142 -9.48 7.42 5.74
CA LEU A 142 -8.85 6.87 4.51
C LEU A 142 -7.54 6.14 4.82
N ASP A 143 -6.72 6.61 5.76
CA ASP A 143 -5.48 5.89 6.13
C ASP A 143 -5.87 4.48 6.60
N ARG A 144 -6.86 4.37 7.48
CA ARG A 144 -7.32 3.07 8.02
C ARG A 144 -8.02 2.25 6.94
N PHE A 145 -8.88 2.87 6.13
CA PHE A 145 -9.65 2.18 5.06
C PHE A 145 -8.67 1.65 4.01
N TYR A 146 -7.72 2.48 3.58
CA TYR A 146 -6.69 2.08 2.57
C TYR A 146 -5.75 1.05 3.19
N LEU A 147 -5.39 1.17 4.48
CA LEU A 147 -4.54 0.16 5.17
C LEU A 147 -5.32 -1.16 5.23
N SER A 148 -6.63 -1.10 5.51
CA SER A 148 -7.52 -2.29 5.53
C SER A 148 -7.61 -2.89 4.13
N ARG A 149 -7.67 -2.05 3.09
CA ARG A 149 -7.75 -2.54 1.69
C ARG A 149 -6.46 -3.30 1.37
N ILE A 150 -5.29 -2.78 1.73
CA ILE A 150 -3.99 -3.37 1.44
C ILE A 150 -3.87 -4.75 2.08
N SER A 151 -4.29 -4.86 3.34
CA SER A 151 -4.15 -6.13 4.05
C SER A 151 -5.06 -7.20 3.47
N ILE A 152 -6.25 -6.82 2.99
CA ILE A 152 -7.15 -7.80 2.41
C ILE A 152 -6.62 -8.28 1.07
N ARG A 153 -6.14 -7.35 0.23
CA ARG A 153 -5.61 -7.74 -1.07
C ARG A 153 -4.35 -8.58 -0.92
N MET A 154 -3.57 -8.34 0.12
CA MET A 154 -2.40 -9.18 0.38
C MET A 154 -2.82 -10.62 0.63
N LEU A 155 -3.79 -10.82 1.53
CA LEU A 155 -4.28 -12.17 1.81
C LEU A 155 -4.79 -12.84 0.54
N ILE A 156 -5.59 -12.11 -0.24
CA ILE A 156 -6.18 -12.69 -1.44
C ILE A 156 -5.09 -13.05 -2.46
N ASN A 157 -4.12 -12.15 -2.65
CA ASN A 157 -3.08 -12.40 -3.64
C ASN A 157 -2.24 -13.61 -3.26
N GLN A 158 -1.94 -13.79 -1.97
CA GLN A 158 -1.13 -14.92 -1.54
C GLN A 158 -1.84 -16.24 -1.82
N HIS A 159 -3.17 -16.27 -1.66
CA HIS A 159 -3.91 -17.50 -1.90
C HIS A 159 -4.04 -17.79 -3.39
N THR A 160 -4.45 -16.78 -4.17
CA THR A 160 -4.71 -17.01 -5.59
C THR A 160 -3.43 -17.26 -6.38
N LEU A 161 -2.32 -16.67 -5.95
CA LEU A 161 -1.07 -16.84 -6.69
C LEU A 161 -0.40 -18.17 -6.41
N ILE A 162 -0.51 -18.67 -5.18
CA ILE A 162 0.20 -19.89 -4.81
C ILE A 162 -0.62 -21.14 -5.11
N PHE A 163 -1.93 -21.09 -4.89
CA PHE A 163 -2.80 -22.24 -5.10
C PHE A 163 -3.50 -22.06 -6.45
N ASP A 164 -2.73 -22.32 -7.52
CA ASP A 164 -3.20 -22.14 -8.89
C ASP A 164 -3.18 -23.46 -9.67
N GLY A 165 -3.12 -24.59 -8.98
CA GLY A 165 -3.10 -25.88 -9.64
C GLY A 165 -1.73 -26.53 -9.61
N PRO A 172 9.58 -23.52 -5.70
CA PRO A 172 9.55 -22.16 -6.24
C PRO A 172 10.38 -21.17 -5.43
N LYS A 173 10.94 -20.16 -6.09
CA LYS A 173 11.73 -19.15 -5.40
C LYS A 173 10.84 -18.11 -4.72
N HIS A 174 9.96 -17.48 -5.48
CA HIS A 174 9.02 -16.54 -4.93
C HIS A 174 7.85 -17.28 -4.27
N ILE A 175 7.33 -16.70 -3.20
CA ILE A 175 6.18 -17.26 -2.49
C ILE A 175 5.00 -16.34 -2.69
N GLY A 176 4.28 -16.51 -3.79
CA GLY A 176 3.23 -15.58 -4.15
C GLY A 176 3.81 -14.22 -4.49
N SER A 177 3.39 -13.19 -3.75
CA SER A 177 3.91 -11.84 -3.94
C SER A 177 5.13 -11.56 -3.06
N ILE A 178 5.58 -12.53 -2.27
CA ILE A 178 6.71 -12.35 -1.37
C ILE A 178 7.95 -12.93 -2.02
N ASP A 179 9.03 -12.14 -2.03
CA ASP A 179 10.33 -12.62 -2.49
C ASP A 179 11.22 -12.81 -1.28
N PRO A 180 11.56 -14.05 -0.89
CA PRO A 180 12.40 -14.23 0.31
C PRO A 180 13.83 -13.75 0.13
N ASN A 181 14.24 -13.44 -1.11
CA ASN A 181 15.58 -12.95 -1.40
C ASN A 181 15.49 -11.71 -2.26
N CYS A 182 14.64 -10.76 -1.84
CA CYS A 182 14.45 -9.54 -2.59
C CYS A 182 15.72 -8.69 -2.58
N ASN A 183 16.32 -8.44 -3.75
CA ASN A 183 17.49 -7.52 -3.85
C ASN A 183 16.90 -6.11 -3.93
N VAL A 184 17.05 -5.29 -2.89
CA VAL A 184 16.41 -3.95 -2.81
C VAL A 184 16.92 -3.07 -3.96
N SER A 185 18.22 -3.11 -4.28
CA SER A 185 18.83 -2.26 -5.33
C SER A 185 18.22 -2.63 -6.69
N GLU A 186 17.96 -3.91 -6.95
CA GLU A 186 17.32 -4.35 -8.21
C GLU A 186 15.93 -3.74 -8.30
N VAL A 187 15.16 -3.71 -7.20
CA VAL A 187 13.81 -3.08 -7.16
C VAL A 187 13.97 -1.56 -7.37
N VAL A 188 15.02 -0.95 -6.81
CA VAL A 188 15.29 0.52 -6.96
C VAL A 188 15.57 0.82 -8.43
N LYS A 189 16.28 -0.05 -9.14
CA LYS A 189 16.68 0.21 -10.56
C LYS A 189 15.48 -0.02 -11.49
N ASP A 190 14.55 -0.92 -11.15
CA ASP A 190 13.32 -1.12 -11.91
C ASP A 190 12.41 0.09 -11.84
N ALA A 191 12.18 0.60 -10.62
CA ALA A 191 11.29 1.74 -10.45
C ALA A 191 11.87 2.98 -11.12
N TYR A 192 13.19 3.17 -11.05
CA TYR A 192 13.81 4.31 -11.71
C TYR A 192 13.63 4.22 -13.22
N ASP A 193 13.90 3.04 -13.79
CA ASP A 193 13.81 2.91 -15.24
C ASP A 193 12.41 3.23 -15.73
N MET A 194 11.39 2.80 -14.99
CA MET A 194 10.02 3.10 -15.38
C MET A 194 9.74 4.60 -15.27
N ALA A 195 10.14 5.22 -14.16
CA ALA A 195 9.97 6.66 -14.02
C ALA A 195 10.75 7.40 -15.10
N LYS A 196 11.94 6.91 -15.44
CA LYS A 196 12.74 7.54 -16.48
C LYS A 196 12.03 7.48 -17.82
N LEU A 197 11.46 6.33 -18.17
CA LEU A 197 10.76 6.19 -19.43
C LEU A 197 9.64 7.22 -19.54
N LEU A 198 8.88 7.42 -18.46
CA LEU A 198 7.84 8.44 -18.48
C LEU A 198 8.43 9.83 -18.52
N CYS A 199 9.53 10.05 -17.80
CA CYS A 199 10.14 11.37 -17.75
C CYS A 199 10.67 11.78 -19.12
N ASP A 200 11.26 10.84 -19.85
CA ASP A 200 11.77 11.16 -21.18
C ASP A 200 10.64 11.48 -22.15
N LYS A 201 9.51 10.78 -22.03
CA LYS A 201 8.39 11.04 -22.94
C LYS A 201 7.81 12.43 -22.71
N TYR A 202 7.66 12.83 -21.45
CA TYR A 202 6.99 14.08 -21.12
C TYR A 202 7.93 15.28 -21.17
N TYR A 203 9.18 15.11 -20.74
CA TYR A 203 10.12 16.22 -20.61
C TYR A 203 11.28 16.18 -21.60
N MET A 204 11.50 15.05 -22.29
CA MET A 204 12.65 14.91 -23.19
C MET A 204 13.95 15.19 -22.44
N ALA A 205 14.01 14.74 -21.18
CA ALA A 205 15.21 14.86 -20.36
C ALA A 205 14.94 14.17 -19.02
N SER A 206 15.95 13.55 -18.43
CA SER A 206 15.74 12.80 -17.20
C SER A 206 17.04 12.75 -16.39
N PRO A 207 16.96 12.88 -15.07
CA PRO A 207 18.18 12.75 -14.27
C PRO A 207 18.70 11.32 -14.26
N ASP A 208 20.00 11.20 -14.03
CA ASP A 208 20.61 9.89 -13.88
C ASP A 208 20.38 9.35 -12.46
N LEU A 209 20.78 8.10 -12.25
CA LEU A 209 20.61 7.43 -10.97
C LEU A 209 21.96 7.03 -10.40
N GLU A 210 22.13 7.24 -9.10
CA GLU A 210 23.31 6.78 -8.37
C GLU A 210 22.84 6.01 -7.16
N ILE A 211 23.21 4.71 -7.10
CA ILE A 211 22.84 3.83 -5.95
C ILE A 211 24.09 3.49 -5.16
N GLN A 212 24.06 3.65 -3.83
CA GLN A 212 25.10 3.20 -2.93
C GLN A 212 24.47 2.33 -1.86
N GLU A 213 25.11 1.18 -1.59
CA GLU A 213 24.65 0.26 -0.54
C GLU A 213 25.58 0.33 0.67
N ILE A 214 25.05 0.29 1.88
CA ILE A 214 25.81 0.22 3.13
C ILE A 214 25.31 -1.02 3.87
N ASN A 215 26.05 -2.13 3.76
CA ASN A 215 25.73 -3.33 4.51
C ASN A 215 26.64 -3.32 5.74
N ALA A 216 26.13 -2.78 6.84
CA ALA A 216 26.96 -2.54 8.02
C ALA A 216 27.60 -3.82 8.54
N ALA A 217 26.79 -4.88 8.69
CA ALA A 217 27.32 -6.11 9.29
C ALA A 217 28.25 -6.85 8.34
N ASN A 218 27.98 -6.81 7.03
CA ASN A 218 28.77 -7.54 6.04
C ASN A 218 28.97 -6.63 4.83
N SER A 219 29.97 -5.75 4.91
CA SER A 219 30.21 -4.79 3.85
C SER A 219 30.45 -5.49 2.53
N LYS A 220 30.06 -4.83 1.44
CA LYS A 220 30.28 -5.32 0.08
C LYS A 220 29.32 -6.44 -0.30
N GLN A 221 28.65 -7.05 0.68
CA GLN A 221 27.70 -8.10 0.36
C GLN A 221 26.38 -7.48 -0.10
N PRO A 222 25.78 -7.96 -1.19
CA PRO A 222 24.52 -7.38 -1.64
C PRO A 222 23.45 -7.44 -0.56
N ILE A 223 22.62 -6.40 -0.52
CA ILE A 223 21.58 -6.28 0.50
C ILE A 223 20.33 -6.98 -0.01
N HIS A 224 19.91 -8.02 0.73
CA HIS A 224 18.70 -8.77 0.44
C HIS A 224 17.78 -8.72 1.66
N MET A 225 16.50 -8.96 1.42
CA MET A 225 15.51 -9.01 2.49
C MET A 225 14.33 -9.85 2.03
N VAL A 226 13.49 -10.23 2.98
CA VAL A 226 12.19 -10.82 2.70
C VAL A 226 11.18 -9.68 2.63
N TYR A 227 10.53 -9.52 1.49
CA TYR A 227 9.56 -8.44 1.34
C TYR A 227 8.67 -8.71 0.12
N VAL A 228 7.69 -7.83 -0.06
CA VAL A 228 6.79 -7.85 -1.20
C VAL A 228 7.33 -6.85 -2.22
N PRO A 229 8.05 -7.29 -3.25
CA PRO A 229 8.69 -6.31 -4.15
C PRO A 229 7.70 -5.39 -4.86
N SER A 230 6.47 -5.84 -5.10
CA SER A 230 5.50 -4.95 -5.75
C SER A 230 5.19 -3.74 -4.86
N HIS A 231 5.10 -3.95 -3.55
CA HIS A 231 4.90 -2.84 -2.64
C HIS A 231 6.09 -1.89 -2.66
N LEU A 232 7.30 -2.45 -2.59
CA LEU A 232 8.51 -1.63 -2.61
C LEU A 232 8.61 -0.87 -3.93
N TYR A 233 8.27 -1.52 -5.04
CA TYR A 233 8.27 -0.85 -6.33
C TYR A 233 7.31 0.35 -6.32
N HIS A 234 6.11 0.15 -5.80
CA HIS A 234 5.11 1.22 -5.79
C HIS A 234 5.62 2.45 -5.05
N MET A 235 6.23 2.24 -3.88
CA MET A 235 6.76 3.36 -3.12
C MET A 235 7.88 4.07 -3.87
N LEU A 236 8.84 3.31 -4.38
CA LEU A 236 10.00 3.90 -5.05
C LEU A 236 9.59 4.58 -6.36
N PHE A 237 8.65 3.96 -7.09
CA PHE A 237 8.18 4.56 -8.34
C PHE A 237 7.52 5.90 -8.07
N GLU A 238 6.65 5.97 -7.07
CA GLU A 238 6.01 7.23 -6.72
C GLU A 238 7.03 8.29 -6.34
N LEU A 239 8.02 7.92 -5.52
CA LEU A 239 9.05 8.87 -5.12
C LEU A 239 9.89 9.30 -6.32
N PHE A 240 10.25 8.36 -7.19
CA PHE A 240 11.05 8.70 -8.37
C PHE A 240 10.30 9.68 -9.27
N LYS A 241 9.00 9.46 -9.47
CA LYS A 241 8.23 10.37 -10.32
C LYS A 241 8.25 11.79 -9.77
N ASN A 242 8.06 11.94 -8.46
CA ASN A 242 8.11 13.28 -7.86
C ASN A 242 9.51 13.87 -7.95
N ALA A 243 10.53 13.06 -7.67
CA ALA A 243 11.90 13.58 -7.70
C ALA A 243 12.31 14.00 -9.11
N MET A 244 11.86 13.27 -10.13
CA MET A 244 12.24 13.62 -11.50
C MET A 244 11.50 14.88 -11.96
N ARG A 245 10.20 14.95 -11.70
CA ARG A 245 9.43 16.15 -12.04
C ARG A 245 10.08 17.38 -11.41
N ALA A 246 10.40 17.29 -10.12
CA ALA A 246 10.99 18.44 -9.42
C ALA A 246 12.35 18.80 -9.99
N THR A 247 13.20 17.78 -10.24
CA THR A 247 14.55 18.06 -10.74
C THR A 247 14.50 18.71 -12.11
N VAL A 248 13.68 18.15 -13.02
CA VAL A 248 13.63 18.68 -14.38
C VAL A 248 13.05 20.09 -14.40
N GLU A 249 11.92 20.29 -13.70
CA GLU A 249 11.25 21.58 -13.77
C GLU A 249 12.05 22.67 -13.10
N SER A 250 12.80 22.36 -12.04
CA SER A 250 13.61 23.36 -11.36
C SER A 250 14.91 23.66 -12.09
N HIS A 251 15.19 22.99 -13.21
CA HIS A 251 16.40 23.23 -13.98
C HIS A 251 16.08 23.48 -15.44
N GLU A 252 14.86 23.94 -15.74
CA GLU A 252 14.49 24.21 -17.12
C GLU A 252 15.35 25.31 -17.72
N SER A 253 15.83 26.24 -16.91
CA SER A 253 16.63 27.36 -17.37
C SER A 253 18.12 27.13 -17.23
N SER A 254 18.54 25.92 -16.86
CA SER A 254 19.94 25.56 -16.77
C SER A 254 20.18 24.29 -17.58
N LEU A 255 21.45 23.92 -17.72
CA LEU A 255 21.84 22.77 -18.53
C LEU A 255 22.20 21.55 -17.70
N ILE A 256 22.89 21.75 -16.57
CA ILE A 256 23.22 20.63 -15.70
C ILE A 256 21.95 20.09 -15.05
N LEU A 257 21.86 18.76 -14.97
CA LEU A 257 20.70 18.08 -14.38
C LEU A 257 21.22 17.16 -13.28
N PRO A 258 21.10 17.54 -12.01
CA PRO A 258 21.66 16.72 -10.94
C PRO A 258 21.02 15.34 -10.95
N PRO A 259 21.78 14.31 -10.59
CA PRO A 259 21.22 12.96 -10.52
C PRO A 259 20.37 12.79 -9.27
N ILE A 260 19.60 11.71 -9.27
CA ILE A 260 18.85 11.28 -8.10
C ILE A 260 19.71 10.22 -7.41
N LYS A 261 20.03 10.45 -6.14
CA LYS A 261 20.88 9.55 -5.37
C LYS A 261 20.02 8.69 -4.46
N VAL A 262 20.32 7.40 -4.42
CA VAL A 262 19.65 6.45 -3.53
C VAL A 262 20.72 5.75 -2.70
N MET A 263 20.50 5.72 -1.39
CA MET A 263 21.32 4.94 -0.47
C MET A 263 20.47 3.84 0.15
N VAL A 264 20.95 2.59 0.11
CA VAL A 264 20.24 1.41 0.71
C VAL A 264 21.09 0.92 1.88
N ALA A 265 20.70 1.16 3.13
CA ALA A 265 21.44 0.85 4.35
C ALA A 265 20.78 -0.32 5.06
N LEU A 266 21.58 -1.29 5.49
CA LEU A 266 21.10 -2.46 6.22
C LEU A 266 21.71 -2.42 7.62
N GLY A 267 20.86 -2.25 8.63
CA GLY A 267 21.28 -2.28 10.01
C GLY A 267 20.81 -3.53 10.73
N GLU A 268 20.97 -3.51 12.05
CA GLU A 268 20.60 -4.67 12.87
C GLU A 268 19.10 -4.93 12.82
N GLU A 269 18.28 -3.88 12.69
CA GLU A 269 16.84 -4.08 12.59
C GLU A 269 16.17 -3.25 11.50
N ASP A 270 16.79 -2.19 11.00
CA ASP A 270 16.23 -1.37 9.93
C ASP A 270 16.90 -1.68 8.60
N LEU A 271 16.09 -1.70 7.55
CA LEU A 271 16.57 -1.56 6.18
C LEU A 271 16.02 -0.24 5.69
N SER A 272 16.90 0.73 5.46
CA SER A 272 16.51 2.08 5.11
C SER A 272 16.91 2.40 3.68
N ILE A 273 16.03 3.10 2.97
CA ILE A 273 16.27 3.52 1.59
C ILE A 273 16.03 5.01 1.54
N LYS A 274 17.10 5.79 1.33
CA LYS A 274 17.00 7.23 1.20
C LYS A 274 17.14 7.63 -0.26
N MET A 275 16.18 8.40 -0.75
CA MET A 275 16.23 9.00 -2.07
C MET A 275 16.44 10.50 -1.91
N SER A 276 17.40 11.05 -2.66
CA SER A 276 17.77 12.45 -2.54
C SER A 276 17.77 13.09 -3.93
N ASP A 277 17.10 14.22 -4.05
CA ASP A 277 17.11 14.99 -5.29
C ASP A 277 17.51 16.43 -5.00
N ARG A 278 17.79 17.16 -6.07
CA ARG A 278 18.04 18.60 -5.99
C ARG A 278 16.99 19.33 -6.82
N GLY A 279 15.71 19.07 -6.53
CA GLY A 279 14.63 19.64 -7.30
C GLY A 279 14.01 20.89 -6.70
N GLY A 280 14.80 21.64 -5.93
CA GLY A 280 14.36 22.93 -5.42
C GLY A 280 13.73 22.89 -4.05
N GLY A 281 13.23 21.74 -3.61
CA GLY A 281 12.75 21.61 -2.26
C GLY A 281 11.34 22.15 -2.07
N VAL A 282 10.86 21.96 -0.85
CA VAL A 282 9.51 22.35 -0.44
C VAL A 282 9.59 23.06 0.89
N PRO A 283 8.91 24.19 1.09
CA PRO A 283 8.88 24.81 2.42
C PRO A 283 8.24 23.87 3.43
N LEU A 284 8.76 23.92 4.66
CA LEU A 284 8.27 23.02 5.70
C LEU A 284 6.76 23.12 5.85
N ARG A 285 6.23 24.35 5.73
CA ARG A 285 4.79 24.56 5.88
C ARG A 285 3.97 23.68 4.95
N LYS A 286 4.50 23.33 3.79
CA LYS A 286 3.75 22.61 2.76
C LYS A 286 4.05 21.12 2.74
N ILE A 287 4.90 20.60 3.64
CA ILE A 287 5.29 19.20 3.58
C ILE A 287 4.11 18.30 3.90
N GLU A 288 3.37 18.60 4.96
CA GLU A 288 2.30 17.71 5.38
C GLU A 288 1.17 17.65 4.35
N ARG A 289 0.96 18.74 3.60
CA ARG A 289 -0.05 18.72 2.55
C ARG A 289 0.24 17.63 1.53
N LEU A 290 1.51 17.27 1.33
CA LEU A 290 1.87 16.25 0.35
C LEU A 290 1.31 14.89 0.72
N PHE A 291 1.04 14.64 2.00
CA PHE A 291 0.48 13.37 2.44
C PHE A 291 -1.02 13.45 2.73
N SER A 292 -1.64 14.59 2.47
CA SER A 292 -3.05 14.79 2.77
C SER A 292 -3.90 14.37 1.57
N TYR A 293 -4.91 13.52 1.83
CA TYR A 293 -5.84 13.15 0.77
C TYR A 293 -6.63 14.38 0.30
N MET A 294 -7.05 15.22 1.24
CA MET A 294 -7.93 16.34 0.87
C MET A 294 -7.17 17.40 0.09
N TYR A 295 -5.97 17.75 0.54
CA TYR A 295 -5.19 18.78 -0.14
C TYR A 295 -4.50 18.26 -1.39
N SER A 296 -4.40 16.95 -1.56
CA SER A 296 -3.89 16.36 -2.79
C SER A 296 -4.98 16.13 -3.84
N THR A 297 -6.24 16.33 -3.47
CA THR A 297 -7.36 16.17 -4.38
C THR A 297 -7.67 17.52 -5.02
N ALA A 298 -7.66 17.56 -6.35
CA ALA A 298 -7.97 18.76 -7.11
C ALA A 298 -8.95 18.44 -8.21
N PRO A 299 -9.79 19.41 -8.63
CA PRO A 299 -10.71 19.19 -9.74
C PRO A 299 -10.00 18.74 -11.01
N GLY A 314 -2.01 12.57 -7.64
CA GLY A 314 -3.00 11.72 -7.02
C GLY A 314 -2.70 11.42 -5.56
N TYR A 315 -3.02 10.20 -5.13
CA TYR A 315 -2.82 9.74 -3.76
C TYR A 315 -1.56 8.89 -3.61
N GLY A 316 -0.61 9.03 -4.54
CA GLY A 316 0.55 8.15 -4.55
C GLY A 316 1.34 8.20 -3.25
N LEU A 317 1.59 9.42 -2.75
CA LEU A 317 2.40 9.55 -1.54
C LEU A 317 1.69 9.01 -0.30
N PRO A 318 0.47 9.43 0.01
CA PRO A 318 -0.17 8.87 1.22
C PRO A 318 -0.31 7.35 1.16
N ILE A 319 -0.69 6.80 0.01
CA ILE A 319 -0.80 5.35 -0.09
C ILE A 319 0.57 4.70 0.00
N SER A 320 1.58 5.31 -0.64
CA SER A 320 2.94 4.78 -0.52
C SER A 320 3.35 4.65 0.93
N ARG A 321 3.03 5.66 1.74
CA ARG A 321 3.38 5.59 3.16
C ARG A 321 2.62 4.46 3.86
N LEU A 322 1.40 4.17 3.42
CA LEU A 322 0.67 3.06 4.01
C LEU A 322 1.31 1.73 3.67
N TYR A 323 1.80 1.57 2.43
CA TYR A 323 2.53 0.35 2.11
C TYR A 323 3.73 0.17 3.04
N ALA A 324 4.43 1.25 3.35
CA ALA A 324 5.57 1.17 4.25
C ALA A 324 5.13 0.80 5.66
N LYS A 325 4.06 1.42 6.16
CA LYS A 325 3.59 1.12 7.51
C LYS A 325 3.01 -0.28 7.61
N TYR A 326 2.58 -0.86 6.49
CA TYR A 326 1.84 -2.12 6.52
C TYR A 326 2.63 -3.24 7.18
N PHE A 327 3.95 -3.26 7.01
CA PHE A 327 4.80 -4.23 7.67
C PHE A 327 5.73 -3.56 8.69
N GLN A 328 5.18 -2.59 9.44
CA GLN A 328 5.84 -1.93 10.56
C GLN A 328 6.95 -0.99 10.12
N GLY A 329 6.88 -0.48 8.90
CA GLY A 329 7.83 0.49 8.39
C GLY A 329 7.28 1.90 8.44
N ASP A 330 7.89 2.78 7.65
CA ASP A 330 7.41 4.14 7.53
C ASP A 330 8.05 4.77 6.31
N LEU A 331 7.50 5.91 5.90
CA LEU A 331 8.01 6.70 4.79
C LEU A 331 7.97 8.15 5.21
N GLN A 332 9.13 8.80 5.25
CA GLN A 332 9.24 10.16 5.77
C GLN A 332 9.92 11.06 4.74
N LEU A 333 9.52 12.32 4.75
CA LEU A 333 10.04 13.34 3.83
C LEU A 333 10.69 14.45 4.63
N PHE A 334 11.87 14.91 4.18
N PHE A 334 11.86 14.89 4.15
CA PHE A 334 12.43 16.14 4.71
CA PHE A 334 12.61 16.00 4.72
C PHE A 334 13.14 16.88 3.60
C PHE A 334 13.16 16.83 3.57
N SER A 335 12.80 18.16 3.45
N SER A 335 12.74 18.09 3.49
CA SER A 335 13.23 18.97 2.33
CA SER A 335 13.08 18.95 2.38
C SER A 335 14.05 20.16 2.83
C SER A 335 13.90 20.14 2.85
N MET A 336 14.80 20.75 1.89
N MET A 336 14.70 20.69 1.94
CA MET A 336 15.58 21.96 2.12
CA MET A 336 15.45 21.91 2.18
C MET A 336 15.15 22.94 1.05
C MET A 336 15.08 22.88 1.06
N GLU A 337 14.19 23.82 1.37
CA GLU A 337 13.69 24.75 0.37
C GLU A 337 14.84 25.53 -0.23
N GLY A 338 14.89 25.54 -1.57
CA GLY A 338 15.98 26.15 -2.29
C GLY A 338 17.05 25.18 -2.73
N PHE A 339 16.98 23.91 -2.31
CA PHE A 339 18.01 22.94 -2.66
C PHE A 339 17.39 21.65 -3.19
N GLY A 340 16.75 20.88 -2.32
CA GLY A 340 16.20 19.61 -2.74
C GLY A 340 15.48 18.93 -1.60
N THR A 341 15.16 17.65 -1.82
CA THR A 341 14.31 16.90 -0.91
C THR A 341 14.85 15.49 -0.74
N ASP A 342 14.76 14.99 0.50
CA ASP A 342 15.08 13.61 0.83
C ASP A 342 13.81 12.87 1.21
N ALA A 343 13.73 11.61 0.83
CA ALA A 343 12.69 10.70 1.27
C ALA A 343 13.35 9.42 1.76
N VAL A 344 12.90 8.92 2.90
CA VAL A 344 13.45 7.71 3.49
C VAL A 344 12.32 6.69 3.65
N ILE A 345 12.49 5.53 3.05
CA ILE A 345 11.63 4.37 3.31
C ILE A 345 12.29 3.56 4.41
N TYR A 346 11.59 3.40 5.53
CA TYR A 346 12.05 2.56 6.64
C TYR A 346 11.32 1.24 6.57
N LEU A 347 12.08 0.14 6.46
CA LEU A 347 11.54 -1.20 6.50
C LEU A 347 12.21 -1.99 7.63
N LYS A 348 11.52 -3.03 8.08
CA LYS A 348 12.13 -3.96 9.03
C LYS A 348 13.07 -4.89 8.29
N ALA A 349 14.27 -5.06 8.82
CA ALA A 349 15.27 -5.89 8.15
C ALA A 349 15.00 -7.38 8.37
N LEU A 350 14.33 -7.74 9.45
CA LEU A 350 14.16 -9.13 9.85
C LEU A 350 12.72 -9.58 9.63
N SER A 351 12.56 -10.77 9.07
CA SER A 351 11.22 -11.30 8.83
C SER A 351 10.44 -11.47 10.13
N THR A 352 11.13 -11.68 11.25
CA THR A 352 10.43 -11.82 12.53
C THR A 352 9.72 -10.53 12.93
N ASP A 353 10.31 -9.37 12.60
CA ASP A 353 9.72 -8.08 12.93
C ASP A 353 8.74 -7.59 11.88
N SER A 354 8.64 -8.26 10.74
CA SER A 354 7.74 -7.84 9.65
C SER A 354 6.39 -8.48 9.90
N VAL A 355 5.51 -7.74 10.58
CA VAL A 355 4.17 -8.20 10.94
C VAL A 355 3.16 -7.20 10.41
N GLU A 356 2.04 -7.73 9.90
CA GLU A 356 0.98 -6.86 9.42
C GLU A 356 0.62 -5.80 10.45
N ARG A 357 0.48 -4.57 9.98
CA ARG A 357 -0.09 -3.48 10.78
C ARG A 357 -1.50 -3.25 10.27
N LEU A 358 -2.48 -3.57 11.10
CA LEU A 358 -3.88 -3.46 10.72
C LEU A 358 -4.54 -2.33 11.49
N PRO A 359 -5.60 -1.72 10.96
CA PRO A 359 -6.29 -0.65 11.69
C PRO A 359 -6.76 -1.14 13.05
N VAL A 360 -6.48 -0.35 14.08
CA VAL A 360 -6.92 -0.63 15.43
C VAL A 360 -8.41 -0.30 15.52
N TYR A 361 -9.24 -1.33 15.72
CA TYR A 361 -10.67 -1.13 15.84
C TYR A 361 -11.09 -1.14 17.32
#